data_3EEA
#
_entry.id   3EEA
#
_cell.length_a   35.453
_cell.length_b   79.471
_cell.length_c   112.632
_cell.angle_alpha   90.00
_cell.angle_beta   90.00
_cell.angle_gamma   90.00
#
_symmetry.space_group_name_H-M   'P 21 21 21'
#
loop_
_entity.id
_entity.type
_entity.pdbx_description
1 polymer 'GAF domain/HD domain protein'
2 non-polymer 1-(2-METHOXY-ETHOXY)-2-{2-[2-(2-METHOXY-ETHOXY]-ETHOXY}-ETHANE
3 water water
#
_entity_poly.entity_id   1
_entity_poly.type   'polypeptide(L)'
_entity_poly.pdbx_seq_one_letter_code
;LIEGSERLSGLTDVDEVIKDLSRLLRKLVKTRWIAVYFFDRERRDFAPARSTGLPASFLPVFREMPLAPDKIPLLKSMLR
KRQHLMLTDPGSSDLLTPKLRKLLRNLCVLAVPMVVRTQVIGAVFMARTRDNPPFSDAETAIIRDLVSHAALVVSHMQLF
DE
;
_entity_poly.pdbx_strand_id   A,B
#
# COMPACT_ATOMS: atom_id res chain seq x y z
N GLU A 6 -23.38 7.43 -0.60
CA GLU A 6 -24.82 7.39 -0.27
C GLU A 6 -25.40 5.93 -0.33
N ARG A 7 -25.04 5.14 -1.34
CA ARG A 7 -25.43 3.72 -1.31
C ARG A 7 -24.28 2.84 -1.01
N LEU A 8 -24.63 1.70 -0.43
CA LEU A 8 -23.63 0.81 0.10
C LEU A 8 -22.70 0.32 -1.03
N SER A 9 -23.26 0.12 -2.23
CA SER A 9 -22.47 -0.32 -3.37
C SER A 9 -21.20 0.51 -3.61
N GLY A 10 -21.27 1.84 -3.44
CA GLY A 10 -20.11 2.71 -3.68
C GLY A 10 -19.03 2.65 -2.61
N LEU A 11 -19.37 2.03 -1.49
CA LEU A 11 -18.45 1.93 -0.36
C LEU A 11 -17.92 0.52 -0.23
N THR A 12 -18.42 -0.41 -1.05
CA THR A 12 -18.00 -1.81 -0.94
C THR A 12 -17.48 -2.36 -2.23
N ASP A 13 -16.80 -1.54 -3.02
CA ASP A 13 -16.37 -1.92 -4.36
C ASP A 13 -15.02 -2.66 -4.29
N VAL A 14 -15.14 -3.95 -4.12
CA VAL A 14 -13.98 -4.82 -3.99
C VAL A 14 -13.08 -4.79 -5.24
N ASP A 15 -13.66 -4.65 -6.43
CA ASP A 15 -12.84 -4.65 -7.65
C ASP A 15 -11.94 -3.42 -7.73
N GLU A 16 -12.38 -2.26 -7.27
CA GLU A 16 -11.48 -1.10 -7.28
C GLU A 16 -10.31 -1.31 -6.29
N VAL A 17 -10.57 -1.95 -5.16
CA VAL A 17 -9.52 -2.30 -4.18
C VAL A 17 -8.47 -3.22 -4.88
N ILE A 18 -8.95 -4.23 -5.60
CA ILE A 18 -8.04 -5.19 -6.29
C ILE A 18 -7.26 -4.55 -7.44
N LYS A 19 -7.89 -3.69 -8.20
CA LYS A 19 -7.22 -2.87 -9.23
C LYS A 19 -6.11 -2.01 -8.60
N ASP A 20 -6.44 -1.31 -7.52
CA ASP A 20 -5.46 -0.42 -6.91
C ASP A 20 -4.29 -1.27 -6.35
N LEU A 21 -4.62 -2.38 -5.68
CA LEU A 21 -3.58 -3.32 -5.15
C LEU A 21 -2.65 -3.78 -6.28
N SER A 22 -3.23 -4.26 -7.38
CA SER A 22 -2.44 -4.75 -8.52
C SER A 22 -1.53 -3.70 -9.11
N ARG A 23 -2.04 -2.49 -9.28
CA ARG A 23 -1.23 -1.41 -9.81
C ARG A 23 -0.03 -1.11 -8.89
N LEU A 24 -0.30 -0.98 -7.61
CA LEU A 24 0.76 -0.65 -6.63
C LEU A 24 1.83 -1.75 -6.57
N LEU A 25 1.41 -3.02 -6.53
CA LEU A 25 2.37 -4.14 -6.55
C LEU A 25 3.25 -4.05 -7.79
N ARG A 26 2.63 -3.82 -8.95
CA ARG A 26 3.45 -3.76 -10.19
C ARG A 26 4.48 -2.61 -10.20
N LYS A 27 4.12 -1.50 -9.57
CA LYS A 27 5.01 -0.35 -9.42
C LYS A 27 6.12 -0.58 -8.39
N LEU A 28 5.87 -1.43 -7.40
CA LEU A 28 6.85 -1.64 -6.34
C LEU A 28 7.78 -2.82 -6.58
N VAL A 29 7.32 -3.81 -7.35
CA VAL A 29 8.06 -5.05 -7.54
C VAL A 29 8.00 -5.38 -9.01
N LYS A 30 9.16 -5.60 -9.64
CA LYS A 30 9.20 -5.97 -11.07
C LYS A 30 8.54 -7.33 -11.27
N THR A 31 7.53 -7.37 -12.14
CA THR A 31 6.77 -8.59 -12.38
C THR A 31 6.31 -8.64 -13.83
N ARG A 32 6.15 -9.83 -14.39
CA ARG A 32 5.53 -9.97 -15.70
C ARG A 32 4.00 -9.80 -15.62
N TRP A 33 3.40 -10.49 -14.67
CA TRP A 33 1.97 -10.35 -14.47
C TRP A 33 1.56 -10.73 -13.05
N ILE A 34 0.33 -10.36 -12.72
CA ILE A 34 -0.35 -10.59 -11.45
C ILE A 34 -1.76 -11.09 -11.73
N ALA A 35 -2.15 -12.14 -11.02
CA ALA A 35 -3.44 -12.77 -11.18
C ALA A 35 -4.10 -12.92 -9.81
N VAL A 36 -5.27 -12.32 -9.60
CA VAL A 36 -5.93 -12.31 -8.33
C VAL A 36 -7.18 -13.13 -8.41
N TYR A 37 -7.40 -13.97 -7.39
CA TYR A 37 -8.56 -14.83 -7.26
C TYR A 37 -9.22 -14.67 -5.89
N PHE A 38 -10.54 -14.90 -5.84
CA PHE A 38 -11.21 -14.98 -4.56
C PHE A 38 -11.59 -16.42 -4.25
N PHE A 39 -11.60 -16.74 -2.96
CA PHE A 39 -11.97 -18.09 -2.54
C PHE A 39 -13.48 -18.14 -2.36
N ASP A 40 -14.12 -19.02 -3.12
CA ASP A 40 -15.59 -19.18 -3.15
C ASP A 40 -16.04 -20.19 -2.12
N ARG A 43 -18.21 -23.03 -3.15
CA ARG A 43 -17.87 -23.80 -4.34
C ARG A 43 -16.55 -24.52 -4.14
N ARG A 44 -15.77 -24.11 -3.13
CA ARG A 44 -14.60 -24.85 -2.74
C ARG A 44 -13.35 -24.54 -3.57
N ASP A 45 -13.37 -23.45 -4.32
CA ASP A 45 -12.24 -23.21 -5.22
C ASP A 45 -11.99 -21.73 -5.37
N PHE A 46 -10.95 -21.40 -6.13
CA PHE A 46 -10.58 -20.02 -6.35
C PHE A 46 -11.13 -19.57 -7.68
N ALA A 47 -11.86 -18.46 -7.65
CA ALA A 47 -12.43 -17.88 -8.84
C ALA A 47 -11.64 -16.67 -9.29
N PRO A 48 -11.42 -16.54 -10.59
CA PRO A 48 -10.59 -15.43 -11.10
C PRO A 48 -11.27 -14.10 -10.86
N ALA A 49 -10.50 -13.14 -10.35
CA ALA A 49 -11.07 -11.80 -9.99
C ALA A 49 -10.55 -10.73 -10.96
N ARG A 50 -9.25 -10.60 -11.04
CA ARG A 50 -8.59 -9.66 -11.93
C ARG A 50 -7.15 -10.05 -12.22
N SER A 51 -6.72 -9.86 -13.46
CA SER A 51 -5.31 -10.01 -13.84
C SER A 51 -4.78 -8.73 -14.39
N THR A 52 -3.46 -8.57 -14.38
CA THR A 52 -2.78 -7.45 -14.95
C THR A 52 -1.50 -7.94 -15.56
N GLY A 53 -1.28 -7.57 -16.82
CA GLY A 53 -0.10 -7.97 -17.55
C GLY A 53 -0.08 -9.30 -18.26
N LEU A 54 -1.18 -10.05 -18.28
CA LEU A 54 -1.15 -11.34 -18.97
C LEU A 54 -1.07 -11.05 -20.49
N PRO A 55 -0.38 -11.91 -21.24
CA PRO A 55 -0.48 -11.82 -22.69
C PRO A 55 -1.93 -11.98 -23.09
N ALA A 56 -2.36 -11.16 -24.06
CA ALA A 56 -3.76 -11.07 -24.45
C ALA A 56 -4.39 -12.43 -24.77
N SER A 57 -3.61 -13.32 -25.39
CA SER A 57 -4.12 -14.64 -25.73
C SER A 57 -4.50 -15.45 -24.48
N PHE A 58 -3.92 -15.15 -23.32
CA PHE A 58 -4.23 -15.92 -22.10
C PHE A 58 -5.37 -15.31 -21.25
N LEU A 59 -5.86 -14.14 -21.64
CA LEU A 59 -6.92 -13.53 -20.88
C LEU A 59 -8.22 -14.38 -20.85
N PRO A 60 -8.67 -14.95 -21.99
CA PRO A 60 -9.84 -15.85 -21.92
C PRO A 60 -9.61 -17.08 -21.03
N VAL A 61 -8.39 -17.60 -21.02
CA VAL A 61 -8.01 -18.73 -20.16
C VAL A 61 -8.12 -18.39 -18.64
N PHE A 62 -7.48 -17.29 -18.25
CA PHE A 62 -7.63 -16.75 -16.90
C PHE A 62 -9.10 -16.60 -16.51
N ARG A 63 -9.89 -15.97 -17.37
CA ARG A 63 -11.26 -15.61 -16.99
C ARG A 63 -12.18 -16.82 -16.84
N GLU A 64 -11.86 -17.93 -17.48
CA GLU A 64 -12.75 -19.08 -17.44
C GLU A 64 -12.29 -20.23 -16.55
N MET A 65 -11.09 -20.17 -16.01
CA MET A 65 -10.46 -21.32 -15.31
C MET A 65 -10.46 -21.16 -13.76
N PRO A 66 -11.44 -21.78 -13.07
CA PRO A 66 -11.29 -21.79 -11.62
C PRO A 66 -10.12 -22.69 -11.19
N LEU A 67 -9.58 -22.44 -10.00
CA LEU A 67 -8.47 -23.23 -9.51
C LEU A 67 -8.94 -24.02 -8.28
N ALA A 68 -8.98 -25.34 -8.40
CA ALA A 68 -9.49 -26.25 -7.35
C ALA A 68 -8.34 -26.90 -6.57
N PRO A 69 -8.23 -26.60 -5.26
CA PRO A 69 -7.18 -27.12 -4.38
C PRO A 69 -7.12 -28.64 -4.42
N ASP A 70 -8.28 -29.25 -4.62
CA ASP A 70 -8.36 -30.70 -4.73
C ASP A 70 -7.67 -31.26 -6.00
N LYS A 71 -7.39 -30.38 -6.95
CA LYS A 71 -6.73 -30.75 -8.18
C LYS A 71 -5.31 -30.25 -8.25
N ILE A 72 -4.98 -29.25 -7.42
CA ILE A 72 -3.72 -28.57 -7.55
C ILE A 72 -3.02 -28.60 -6.19
N PRO A 73 -2.10 -29.56 -5.98
CA PRO A 73 -1.47 -29.68 -4.65
C PRO A 73 -0.83 -28.42 -4.06
N LEU A 74 -0.18 -27.58 -4.88
CA LEU A 74 0.38 -26.31 -4.38
C LEU A 74 -0.65 -25.46 -3.67
N LEU A 75 -1.85 -25.46 -4.24
CA LEU A 75 -2.94 -24.62 -3.79
C LEU A 75 -3.53 -25.20 -2.55
N LYS A 76 -3.61 -26.53 -2.51
CA LYS A 76 -4.10 -27.15 -1.29
C LYS A 76 -3.14 -26.84 -0.13
N SER A 77 -1.84 -26.90 -0.39
CA SER A 77 -0.84 -26.55 0.64
C SER A 77 -0.91 -25.13 1.08
N MET A 78 -1.00 -24.22 0.11
CA MET A 78 -1.13 -22.78 0.45
C MET A 78 -2.34 -22.59 1.38
N LEU A 79 -3.48 -23.15 0.98
CA LEU A 79 -4.72 -23.03 1.74
C LEU A 79 -4.67 -23.63 3.15
N ARG A 80 -4.13 -24.86 3.27
CA ARG A 80 -4.05 -25.55 4.55
C ARG A 80 -3.13 -24.83 5.53
N LYS A 81 -1.99 -24.35 5.05
CA LYS A 81 -0.99 -23.70 5.89
C LYS A 81 -1.26 -22.21 6.03
N ARG A 82 -2.09 -21.62 5.16
CA ARG A 82 -2.33 -20.18 5.16
C ARG A 82 -1.03 -19.43 5.00
N GLN A 83 -0.13 -19.92 4.15
CA GLN A 83 1.14 -19.28 3.92
C GLN A 83 1.51 -19.20 2.45
N HIS A 84 2.38 -18.26 2.14
CA HIS A 84 2.87 -18.08 0.78
C HIS A 84 3.80 -19.20 0.37
N LEU A 85 3.82 -19.46 -0.94
CA LEU A 85 4.75 -20.46 -1.52
C LEU A 85 5.33 -19.87 -2.79
N MET A 86 6.55 -20.24 -3.15
CA MET A 86 7.14 -19.81 -4.45
C MET A 86 7.64 -21.03 -5.23
N LEU A 87 7.31 -21.11 -6.51
CA LEU A 87 7.88 -22.12 -7.39
C LEU A 87 8.85 -21.46 -8.33
N THR A 88 10.11 -21.87 -8.24
CA THR A 88 11.13 -21.30 -9.10
C THR A 88 11.31 -22.12 -10.38
N ASP A 89 10.70 -23.30 -10.45
CA ASP A 89 10.76 -24.16 -11.63
C ASP A 89 9.40 -24.89 -11.80
N PRO A 90 8.36 -24.14 -12.18
CA PRO A 90 7.04 -24.75 -12.26
C PRO A 90 6.96 -25.86 -13.31
N GLY A 91 7.64 -25.69 -14.44
CA GLY A 91 7.70 -26.69 -15.49
C GLY A 91 7.88 -28.12 -14.97
N SER A 92 8.79 -28.28 -14.01
CA SER A 92 9.16 -29.59 -13.51
C SER A 92 8.56 -29.92 -12.15
N SER A 93 7.50 -29.22 -11.76
CA SER A 93 6.93 -29.37 -10.43
C SER A 93 5.74 -30.32 -10.44
N ASP A 94 5.80 -31.33 -9.59
CA ASP A 94 4.69 -32.24 -9.36
C ASP A 94 3.53 -31.56 -8.59
N LEU A 95 3.76 -30.39 -8.02
CA LEU A 95 2.72 -29.70 -7.23
C LEU A 95 1.67 -28.97 -8.09
N LEU A 96 1.85 -29.04 -9.40
CA LEU A 96 0.95 -28.45 -10.35
C LEU A 96 0.33 -29.56 -11.20
N THR A 97 -0.74 -29.20 -11.87
CA THR A 97 -1.33 -29.89 -12.99
C THR A 97 -0.38 -29.93 -14.23
N PRO A 98 -0.45 -31.00 -15.07
CA PRO A 98 0.24 -30.96 -16.36
C PRO A 98 -0.06 -29.69 -17.16
N LYS A 99 -1.33 -29.31 -17.25
CA LYS A 99 -1.73 -28.07 -17.91
C LYS A 99 -0.93 -26.86 -17.36
N LEU A 100 -0.82 -26.78 -16.03
CA LEU A 100 -0.20 -25.60 -15.39
C LEU A 100 1.32 -25.61 -15.53
N ARG A 101 1.94 -26.80 -15.43
CA ARG A 101 3.39 -26.92 -15.67
C ARG A 101 3.80 -26.35 -17.04
N LYS A 102 2.97 -26.58 -18.05
CA LYS A 102 3.29 -26.14 -19.38
C LYS A 102 3.07 -24.65 -19.48
N LEU A 103 1.93 -24.19 -18.99
CA LEU A 103 1.59 -22.78 -19.05
C LEU A 103 2.66 -21.91 -18.36
N LEU A 104 3.19 -22.39 -17.23
CA LEU A 104 4.06 -21.60 -16.34
C LEU A 104 5.54 -21.97 -16.43
N ARG A 105 5.89 -22.78 -17.45
CA ARG A 105 7.24 -23.37 -17.52
C ARG A 105 8.39 -22.33 -17.57
N ASN A 106 8.16 -21.16 -18.16
CA ASN A 106 9.19 -20.12 -18.24
C ASN A 106 9.20 -19.13 -17.09
N LEU A 107 8.46 -19.44 -16.02
CA LEU A 107 8.15 -18.45 -14.98
C LEU A 107 8.57 -18.86 -13.57
N CYS A 108 8.95 -17.88 -12.75
CA CYS A 108 9.08 -18.02 -11.31
C CYS A 108 7.71 -17.54 -10.79
N VAL A 109 7.03 -18.33 -9.95
CA VAL A 109 5.65 -17.95 -9.49
C VAL A 109 5.54 -17.89 -7.97
N LEU A 110 5.13 -16.73 -7.48
CA LEU A 110 4.91 -16.52 -6.10
C LEU A 110 3.40 -16.55 -5.84
N ALA A 111 2.97 -17.38 -4.91
CA ALA A 111 1.56 -17.54 -4.51
C ALA A 111 1.37 -17.01 -3.09
N VAL A 112 0.60 -15.94 -2.95
CA VAL A 112 0.39 -15.28 -1.68
C VAL A 112 -1.10 -15.33 -1.31
N PRO A 113 -1.42 -16.04 -0.21
CA PRO A 113 -2.83 -16.13 0.16
C PRO A 113 -3.29 -14.81 0.72
N MET A 114 -4.54 -14.45 0.43
CA MET A 114 -5.19 -13.28 1.09
C MET A 114 -5.77 -13.81 2.40
N VAL A 115 -5.16 -13.46 3.51
CA VAL A 115 -5.53 -13.99 4.80
C VAL A 115 -6.01 -12.83 5.71
N VAL A 116 -7.15 -13.06 6.32
CA VAL A 116 -7.70 -12.16 7.31
C VAL A 116 -7.96 -12.97 8.53
N ARG A 117 -7.18 -12.61 9.55
CA ARG A 117 -7.08 -13.32 10.80
C ARG A 117 -6.65 -14.73 10.44
N THR A 118 -7.51 -15.72 10.65
CA THR A 118 -7.08 -17.10 10.39
C THR A 118 -7.57 -17.68 9.07
N GLN A 119 -8.35 -16.90 8.32
CA GLN A 119 -9.08 -17.36 7.16
C GLN A 119 -8.48 -16.89 5.82
N VAL A 120 -8.48 -17.80 4.83
CA VAL A 120 -8.00 -17.49 3.46
C VAL A 120 -9.22 -17.09 2.67
N ILE A 121 -9.23 -15.86 2.13
CA ILE A 121 -10.32 -15.33 1.33
C ILE A 121 -10.03 -15.17 -0.16
N GLY A 122 -8.82 -15.52 -0.56
CA GLY A 122 -8.38 -15.31 -1.93
C GLY A 122 -6.89 -15.57 -2.06
N ALA A 123 -6.36 -15.30 -3.24
CA ALA A 123 -4.95 -15.55 -3.50
C ALA A 123 -4.44 -14.55 -4.55
N VAL A 124 -3.19 -14.14 -4.44
CA VAL A 124 -2.52 -13.28 -5.44
C VAL A 124 -1.34 -14.07 -5.96
N PHE A 125 -1.30 -14.29 -7.27
CA PHE A 125 -0.15 -14.92 -7.91
C PHE A 125 0.62 -13.88 -8.73
N MET A 126 1.93 -13.91 -8.60
CA MET A 126 2.83 -12.96 -9.27
C MET A 126 3.87 -13.77 -9.97
N ALA A 127 4.22 -13.36 -11.19
CA ALA A 127 5.11 -14.14 -12.04
C ALA A 127 6.15 -13.23 -12.67
N ARG A 128 7.33 -13.77 -12.81
CA ARG A 128 8.29 -13.25 -13.78
C ARG A 128 9.11 -14.37 -14.44
N THR A 129 9.77 -14.04 -15.56
CA THR A 129 10.44 -15.08 -16.32
C THR A 129 11.60 -15.55 -15.52
N ARG A 130 11.91 -16.84 -15.67
CA ARG A 130 12.90 -17.54 -14.86
C ARG A 130 14.37 -17.14 -15.10
N ASP A 131 14.63 -16.37 -16.14
CA ASP A 131 16.00 -15.84 -16.36
C ASP A 131 16.27 -14.62 -15.46
N ASN A 132 15.22 -14.07 -14.84
CA ASN A 132 15.35 -13.06 -13.81
C ASN A 132 15.54 -13.68 -12.44
N PRO A 133 16.10 -12.92 -11.48
CA PRO A 133 16.22 -13.51 -10.14
C PRO A 133 14.85 -13.79 -9.58
N PRO A 134 14.71 -14.86 -8.78
CA PRO A 134 13.44 -15.11 -8.11
C PRO A 134 13.05 -13.95 -7.17
N PHE A 135 11.78 -13.88 -6.81
CA PHE A 135 11.36 -12.90 -5.82
C PHE A 135 12.18 -13.11 -4.54
N SER A 136 12.77 -12.03 -4.06
CA SER A 136 13.62 -12.00 -2.83
C SER A 136 12.75 -11.93 -1.56
N ASP A 137 13.36 -12.20 -0.41
CA ASP A 137 12.68 -12.03 0.87
C ASP A 137 12.22 -10.58 1.01
N ALA A 138 13.05 -9.61 0.61
CA ALA A 138 12.67 -8.19 0.71
C ALA A 138 11.42 -7.84 -0.13
N GLU A 139 11.40 -8.33 -1.36
CA GLU A 139 10.24 -8.14 -2.24
C GLU A 139 9.01 -8.84 -1.69
N THR A 140 9.19 -10.08 -1.20
CA THR A 140 8.09 -10.85 -0.68
C THR A 140 7.49 -10.18 0.58
N ALA A 141 8.31 -9.58 1.41
CA ALA A 141 7.83 -8.91 2.62
C ALA A 141 6.84 -7.78 2.26
N ILE A 142 7.24 -6.97 1.28
CA ILE A 142 6.39 -5.89 0.74
C ILE A 142 5.07 -6.42 0.19
N ILE A 143 5.17 -7.43 -0.67
CA ILE A 143 4.02 -8.07 -1.25
C ILE A 143 3.05 -8.59 -0.18
N ARG A 144 3.58 -9.36 0.77
CA ARG A 144 2.75 -9.93 1.82
C ARG A 144 2.03 -8.84 2.65
N ASP A 145 2.74 -7.77 2.95
CA ASP A 145 2.15 -6.63 3.67
C ASP A 145 0.99 -6.01 2.92
N LEU A 146 1.24 -5.69 1.65
CA LEU A 146 0.24 -4.95 0.82
C LEU A 146 -1.01 -5.84 0.57
N VAL A 147 -0.79 -7.12 0.32
CA VAL A 147 -1.87 -8.06 0.12
C VAL A 147 -2.65 -8.21 1.42
N SER A 148 -1.98 -8.21 2.57
CA SER A 148 -2.68 -8.34 3.82
C SER A 148 -3.52 -7.15 4.11
N HIS A 149 -3.03 -5.94 3.74
CA HIS A 149 -3.84 -4.76 3.85
C HIS A 149 -5.12 -4.83 3.01
N ALA A 150 -4.98 -5.23 1.73
CA ALA A 150 -6.08 -5.34 0.80
C ALA A 150 -7.05 -6.38 1.28
N ALA A 151 -6.55 -7.51 1.80
CA ALA A 151 -7.41 -8.56 2.30
C ALA A 151 -8.32 -8.08 3.42
N LEU A 152 -7.79 -7.29 4.34
CA LEU A 152 -8.57 -6.80 5.47
C LEU A 152 -9.71 -5.87 5.01
N VAL A 153 -9.35 -5.00 4.08
CA VAL A 153 -10.32 -4.08 3.47
C VAL A 153 -11.43 -4.86 2.77
N VAL A 154 -11.03 -5.80 1.92
CA VAL A 154 -11.99 -6.62 1.12
C VAL A 154 -12.89 -7.40 2.06
N SER A 155 -12.32 -7.92 3.13
CA SER A 155 -13.12 -8.69 4.08
C SER A 155 -14.19 -7.81 4.74
N HIS A 156 -13.82 -6.58 5.15
CA HIS A 156 -14.83 -5.62 5.65
C HIS A 156 -15.94 -5.37 4.63
N MET A 157 -15.57 -5.22 3.36
CA MET A 157 -16.54 -4.98 2.27
C MET A 157 -17.47 -6.21 1.98
N GLN A 158 -16.87 -7.39 1.94
CA GLN A 158 -17.58 -8.65 1.61
C GLN A 158 -18.54 -9.07 2.73
N LEU A 159 -18.35 -8.55 3.93
CA LEU A 159 -19.39 -8.62 4.99
C LEU A 159 -20.79 -8.17 4.52
N PHE A 160 -20.85 -7.30 3.50
CA PHE A 160 -22.16 -6.91 2.95
C PHE A 160 -22.56 -7.68 1.69
N SER B 9 -6.58 -13.00 15.32
CA SER B 9 -5.50 -11.97 15.45
C SER B 9 -5.06 -11.46 14.06
N GLY B 10 -5.28 -10.17 13.87
CA GLY B 10 -5.02 -9.47 12.61
C GLY B 10 -3.55 -9.50 12.17
N LEU B 11 -3.35 -9.41 10.86
CA LEU B 11 -1.99 -9.47 10.24
C LEU B 11 -1.34 -8.10 10.20
N THR B 12 -2.05 -7.10 10.66
CA THR B 12 -1.51 -5.75 10.69
C THR B 12 -2.29 -4.92 11.71
N ASP B 13 -1.87 -3.66 11.89
CA ASP B 13 -2.62 -2.68 12.69
C ASP B 13 -2.19 -1.28 12.27
N VAL B 14 -2.84 -0.24 12.80
CA VAL B 14 -2.59 1.10 12.31
C VAL B 14 -1.11 1.44 12.44
N ASP B 15 -0.55 1.12 13.58
CA ASP B 15 0.87 1.36 13.82
C ASP B 15 1.77 0.71 12.76
N GLU B 16 1.47 -0.54 12.42
CA GLU B 16 2.31 -1.28 11.47
C GLU B 16 2.13 -0.64 10.06
N VAL B 17 0.93 -0.21 9.73
CA VAL B 17 0.71 0.44 8.41
C VAL B 17 1.50 1.72 8.29
N ILE B 18 1.50 2.52 9.35
CA ILE B 18 2.27 3.77 9.35
C ILE B 18 3.77 3.56 9.29
N LYS B 19 4.28 2.53 9.98
CA LYS B 19 5.69 2.15 9.86
C LYS B 19 6.04 1.73 8.43
N ASP B 20 5.16 0.90 7.84
CA ASP B 20 5.33 0.46 6.47
C ASP B 20 5.32 1.64 5.48
N LEU B 21 4.36 2.54 5.64
CA LEU B 21 4.28 3.72 4.76
C LEU B 21 5.57 4.50 4.84
N SER B 22 5.98 4.71 6.08
CA SER B 22 7.24 5.48 6.36
C SER B 22 8.45 4.83 5.73
N ARG B 23 8.57 3.52 5.85
CA ARG B 23 9.70 2.83 5.26
C ARG B 23 9.71 2.93 3.73
N LEU B 24 8.54 2.81 3.11
CA LEU B 24 8.49 2.84 1.64
C LEU B 24 8.75 4.25 1.11
N LEU B 25 8.19 5.24 1.79
CA LEU B 25 8.42 6.65 1.43
C LEU B 25 9.90 6.97 1.51
N ARG B 26 10.55 6.53 2.58
CA ARG B 26 11.95 6.82 2.79
C ARG B 26 12.80 6.11 1.75
N LYS B 27 12.38 4.91 1.35
CA LYS B 27 13.12 4.16 0.35
C LYS B 27 13.02 4.82 -1.02
N LEU B 28 11.84 5.27 -1.40
CA LEU B 28 11.56 5.63 -2.80
C LEU B 28 11.68 7.12 -3.10
N VAL B 29 11.64 7.94 -2.06
CA VAL B 29 11.76 9.40 -2.22
C VAL B 29 12.72 9.84 -1.12
N LYS B 30 13.91 10.23 -1.52
CA LYS B 30 14.95 10.65 -0.57
C LYS B 30 14.47 11.88 0.20
N THR B 31 14.51 11.84 1.53
CA THR B 31 14.11 12.98 2.38
C THR B 31 15.10 13.11 3.53
N ARG B 32 15.14 14.29 4.15
CA ARG B 32 15.86 14.47 5.43
C ARG B 32 15.01 13.80 6.53
N TRP B 33 13.73 14.13 6.55
CA TRP B 33 12.78 13.48 7.46
C TRP B 33 11.35 13.45 6.95
N ILE B 34 10.54 12.59 7.56
CA ILE B 34 9.10 12.60 7.44
C ILE B 34 8.37 12.59 8.78
N ALA B 35 7.19 13.18 8.80
CA ALA B 35 6.40 13.28 10.04
C ALA B 35 4.96 12.99 9.69
N VAL B 36 4.38 11.99 10.35
CA VAL B 36 3.00 11.59 10.05
C VAL B 36 2.09 11.94 11.23
N TYR B 37 0.90 12.47 10.91
CA TYR B 37 -0.10 12.92 11.89
C TYR B 37 -1.46 12.31 11.55
N PHE B 38 -2.29 12.11 12.55
CA PHE B 38 -3.70 11.79 12.32
C PHE B 38 -4.57 13.00 12.56
N PHE B 39 -5.62 13.14 11.78
CA PHE B 39 -6.54 14.29 11.96
C PHE B 39 -7.65 13.89 12.90
N ASP B 40 -7.84 14.68 13.95
CA ASP B 40 -8.75 14.35 15.06
C ASP B 40 -10.07 15.11 14.86
N ARG B 44 -10.44 19.59 16.53
CA ARG B 44 -10.16 19.44 15.11
C ARG B 44 -8.73 19.91 14.80
N ASP B 45 -7.76 19.05 15.13
CA ASP B 45 -6.38 19.35 14.86
C ASP B 45 -5.65 18.04 14.54
N PHE B 46 -4.39 18.18 14.13
CA PHE B 46 -3.55 17.04 13.75
C PHE B 46 -2.65 16.62 14.92
N ALA B 47 -2.72 15.34 15.27
CA ALA B 47 -1.98 14.71 16.37
C ALA B 47 -0.82 13.88 15.81
N PRO B 48 0.37 14.06 16.39
CA PRO B 48 1.55 13.33 15.93
C PRO B 48 1.38 11.83 16.05
N ALA B 49 1.75 11.11 15.00
CA ALA B 49 1.67 9.66 14.92
C ALA B 49 3.05 9.06 14.94
N ARG B 50 3.92 9.39 13.98
CA ARG B 50 5.26 8.85 13.94
C ARG B 50 6.12 9.69 13.07
N SER B 51 7.38 9.82 13.46
CA SER B 51 8.37 10.52 12.63
C SER B 51 9.49 9.61 12.31
N THR B 52 10.16 9.91 11.21
CA THR B 52 11.37 9.21 10.84
C THR B 52 12.39 10.21 10.36
N GLY B 53 13.60 10.16 10.97
CA GLY B 53 14.70 11.01 10.56
C GLY B 53 14.83 12.39 11.21
N LEU B 54 13.93 12.75 12.13
CA LEU B 54 14.02 14.03 12.81
C LEU B 54 15.27 14.08 13.70
N PRO B 55 15.94 15.23 13.77
CA PRO B 55 17.01 15.35 14.77
C PRO B 55 16.49 15.12 16.19
N ALA B 56 17.28 14.48 17.04
CA ALA B 56 17.00 14.30 18.49
C ALA B 56 16.30 15.48 19.19
N SER B 57 16.80 16.68 18.98
CA SER B 57 16.33 17.83 19.75
C SER B 57 14.91 18.21 19.46
N PHE B 58 14.40 17.79 18.30
CA PHE B 58 13.07 18.13 17.95
C PHE B 58 12.08 17.00 18.22
N LEU B 59 12.51 15.84 18.72
CA LEU B 59 11.53 14.78 19.03
C LEU B 59 10.52 15.23 20.10
N PRO B 60 10.99 15.94 21.15
CA PRO B 60 9.99 16.47 22.11
C PRO B 60 9.00 17.45 21.49
N VAL B 61 9.47 18.27 20.54
CA VAL B 61 8.60 19.19 19.83
C VAL B 61 7.56 18.42 19.01
N PHE B 62 8.03 17.45 18.23
CA PHE B 62 7.15 16.63 17.40
C PHE B 62 6.11 15.95 18.29
N ARG B 63 6.52 15.35 19.39
CA ARG B 63 5.59 14.61 20.22
C ARG B 63 4.55 15.48 20.91
N GLU B 64 4.89 16.72 21.17
CA GLU B 64 4.03 17.57 21.98
C GLU B 64 3.39 18.75 21.26
N MET B 65 3.62 18.91 19.97
CA MET B 65 3.05 20.10 19.24
C MET B 65 1.91 19.62 18.33
N PRO B 66 0.65 19.62 18.82
CA PRO B 66 -0.42 19.44 17.82
C PRO B 66 -0.45 20.61 16.81
N LEU B 67 -0.92 20.34 15.59
CA LEU B 67 -0.93 21.34 14.55
C LEU B 67 -2.38 21.71 14.29
N ALA B 68 -2.75 22.96 14.53
CA ALA B 68 -4.14 23.41 14.39
C ALA B 68 -4.35 24.14 13.07
N PRO B 69 -5.26 23.67 12.21
CA PRO B 69 -5.54 24.40 10.96
C PRO B 69 -6.02 25.84 11.16
N ASP B 70 -6.77 26.05 12.24
CA ASP B 70 -7.23 27.41 12.56
C ASP B 70 -6.08 28.37 12.79
N LYS B 71 -4.90 27.85 13.16
CA LYS B 71 -3.72 28.67 13.41
C LYS B 71 -2.70 28.67 12.29
N ILE B 72 -2.73 27.68 11.36
CA ILE B 72 -1.67 27.55 10.35
C ILE B 72 -2.29 27.56 8.97
N PRO B 73 -2.21 28.70 8.23
CA PRO B 73 -3.02 28.73 7.00
C PRO B 73 -2.70 27.67 5.97
N LEU B 74 -1.41 27.33 5.83
CA LEU B 74 -1.00 26.25 4.94
C LEU B 74 -1.80 24.95 5.17
N LEU B 75 -2.02 24.66 6.44
CA LEU B 75 -2.67 23.44 6.82
C LEU B 75 -4.18 23.54 6.57
N LYS B 76 -4.69 24.75 6.74
CA LYS B 76 -6.07 24.97 6.46
C LYS B 76 -6.30 24.77 4.97
N SER B 77 -5.40 25.30 4.11
CA SER B 77 -5.53 25.12 2.65
C SER B 77 -5.43 23.65 2.27
N MET B 78 -4.47 22.94 2.83
CA MET B 78 -4.29 21.52 2.56
C MET B 78 -5.61 20.76 2.86
N LEU B 79 -6.16 21.01 4.01
CA LEU B 79 -7.35 20.38 4.49
C LEU B 79 -8.61 20.70 3.69
N ARG B 80 -8.85 21.97 3.40
CA ARG B 80 -9.92 22.39 2.47
C ARG B 80 -9.83 21.84 1.09
N LYS B 81 -8.68 21.99 0.45
CA LYS B 81 -8.53 21.65 -0.94
C LYS B 81 -8.25 20.18 -1.17
N ARG B 82 -7.89 19.46 -0.10
CA ARG B 82 -7.43 18.07 -0.26
C ARG B 82 -6.28 18.01 -1.26
N GLN B 83 -5.34 18.96 -1.19
CA GLN B 83 -4.20 19.05 -2.08
C GLN B 83 -2.90 18.95 -1.31
N HIS B 84 -1.89 18.32 -1.90
CA HIS B 84 -0.54 18.45 -1.38
C HIS B 84 -0.01 19.84 -1.72
N LEU B 85 0.83 20.38 -0.85
CA LEU B 85 1.30 21.76 -0.98
C LEU B 85 2.77 21.77 -0.61
N MET B 86 3.60 22.47 -1.37
CA MET B 86 5.03 22.53 -1.06
C MET B 86 5.46 23.97 -0.80
N LEU B 87 6.27 24.16 0.25
CA LEU B 87 6.92 25.45 0.51
C LEU B 87 8.42 25.30 0.34
N THR B 88 8.99 26.02 -0.62
CA THR B 88 10.40 25.91 -0.86
C THR B 88 11.14 26.93 0.04
N ASP B 89 10.38 27.81 0.68
CA ASP B 89 10.92 28.93 1.44
C ASP B 89 10.11 29.23 2.71
N PRO B 90 10.00 28.24 3.62
CA PRO B 90 9.14 28.38 4.77
C PRO B 90 9.44 29.62 5.62
N GLY B 91 10.69 29.99 5.71
CA GLY B 91 11.10 31.17 6.47
C GLY B 91 10.35 32.44 6.07
N SER B 92 10.08 32.61 4.79
CA SER B 92 9.45 33.86 4.35
C SER B 92 7.96 33.71 4.15
N SER B 93 7.39 32.56 4.56
CA SER B 93 6.02 32.24 4.22
C SER B 93 4.99 32.71 5.22
N ASP B 94 4.00 33.41 4.72
CA ASP B 94 2.92 33.94 5.54
C ASP B 94 1.93 32.86 5.93
N LEU B 95 2.08 31.67 5.35
CA LEU B 95 1.12 30.58 5.52
C LEU B 95 1.48 29.70 6.71
N LEU B 96 2.57 30.05 7.37
CA LEU B 96 3.01 29.45 8.58
C LEU B 96 2.94 30.46 9.74
N THR B 97 3.00 29.92 10.96
CA THR B 97 3.28 30.67 12.21
C THR B 97 4.77 31.04 12.40
N PRO B 98 5.06 32.09 13.22
CA PRO B 98 6.43 32.41 13.57
C PRO B 98 7.26 31.23 14.03
N LYS B 99 6.69 30.42 14.90
CA LYS B 99 7.33 29.23 15.33
C LYS B 99 7.73 28.31 14.16
N LEU B 100 6.80 28.05 13.23
CA LEU B 100 7.10 27.11 12.14
C LEU B 100 8.04 27.71 11.09
N ARG B 101 7.87 28.99 10.82
CA ARG B 101 8.81 29.73 9.99
C ARG B 101 10.26 29.57 10.44
N LYS B 102 10.52 29.61 11.75
CA LYS B 102 11.86 29.46 12.27
C LYS B 102 12.28 28.03 12.30
N LEU B 103 11.39 27.18 12.80
CA LEU B 103 11.69 25.78 12.86
C LEU B 103 12.07 25.27 11.48
N LEU B 104 11.38 25.73 10.44
CA LEU B 104 11.48 25.07 9.12
C LEU B 104 12.25 25.96 8.11
N ARG B 105 12.93 26.99 8.60
CA ARG B 105 13.54 28.00 7.69
C ARG B 105 14.57 27.44 6.71
N ASN B 106 15.22 26.36 7.11
CA ASN B 106 16.30 25.79 6.33
C ASN B 106 15.88 24.62 5.43
N LEU B 107 14.58 24.45 5.30
CA LEU B 107 14.03 23.26 4.65
C LEU B 107 13.06 23.60 3.55
N CYS B 108 12.89 22.64 2.65
CA CYS B 108 11.79 22.59 1.71
C CYS B 108 10.81 21.52 2.24
N VAL B 109 9.55 21.89 2.44
CA VAL B 109 8.56 21.01 3.10
C VAL B 109 7.38 20.77 2.17
N LEU B 110 7.08 19.51 1.98
CA LEU B 110 5.92 19.06 1.27
C LEU B 110 4.88 18.56 2.29
N ALA B 111 3.67 19.11 2.18
CA ALA B 111 2.55 18.71 3.03
C ALA B 111 1.56 17.86 2.21
N VAL B 112 1.36 16.60 2.59
CA VAL B 112 0.51 15.69 1.84
C VAL B 112 -0.67 15.22 2.70
N PRO B 113 -1.91 15.50 2.29
CA PRO B 113 -3.01 15.01 3.10
C PRO B 113 -3.30 13.51 2.85
N MET B 114 -3.75 12.82 3.88
CA MET B 114 -4.16 11.40 3.85
C MET B 114 -5.68 11.43 3.66
N VAL B 115 -6.13 11.07 2.47
CA VAL B 115 -7.53 11.28 2.08
C VAL B 115 -8.16 9.96 1.64
N VAL B 116 -9.37 9.74 2.11
CA VAL B 116 -10.26 8.67 1.63
C VAL B 116 -11.56 9.33 1.12
N ARG B 117 -11.88 9.24 -0.16
CA ARG B 117 -13.21 9.79 -0.65
C ARG B 117 -13.63 11.16 -0.08
N THR B 118 -12.76 12.07 -0.32
CA THR B 118 -12.83 13.45 0.20
C THR B 118 -12.58 13.67 1.72
N GLN B 119 -12.48 12.61 2.54
CA GLN B 119 -12.32 12.84 3.97
C GLN B 119 -10.83 12.87 4.30
N VAL B 120 -10.37 13.93 4.96
CA VAL B 120 -8.98 13.98 5.40
C VAL B 120 -8.86 13.26 6.75
N ILE B 121 -8.02 12.24 6.82
CA ILE B 121 -7.83 11.51 8.07
C ILE B 121 -6.46 11.71 8.70
N GLY B 122 -5.60 12.45 8.01
CA GLY B 122 -4.22 12.60 8.51
C GLY B 122 -3.40 13.38 7.51
N ALA B 123 -2.12 13.50 7.79
CA ALA B 123 -1.20 14.22 6.89
C ALA B 123 0.19 13.62 7.03
N VAL B 124 0.98 13.70 5.97
CA VAL B 124 2.40 13.38 5.96
C VAL B 124 3.22 14.59 5.52
N PHE B 125 4.16 15.02 6.35
CA PHE B 125 5.03 16.12 5.98
C PHE B 125 6.39 15.57 5.66
N MET B 126 6.97 16.00 4.57
CA MET B 126 8.26 15.48 4.11
C MET B 126 9.16 16.65 3.88
N ALA B 127 10.39 16.54 4.37
CA ALA B 127 11.37 17.64 4.30
C ALA B 127 12.67 17.28 3.62
N ARG B 128 13.24 18.25 2.92
CA ARG B 128 14.61 18.18 2.46
C ARG B 128 15.28 19.49 2.83
N THR B 129 16.59 19.52 2.75
CA THR B 129 17.28 20.77 2.95
C THR B 129 17.07 21.62 1.70
N ARG B 130 17.06 22.92 1.93
CA ARG B 130 16.84 23.89 0.85
C ARG B 130 17.98 23.82 -0.18
N ASP B 131 19.09 23.20 0.18
CA ASP B 131 20.21 23.08 -0.73
C ASP B 131 20.05 21.97 -1.75
N ASN B 132 19.03 21.13 -1.63
CA ASN B 132 18.87 19.96 -2.52
C ASN B 132 17.68 20.17 -3.42
N PRO B 133 17.50 19.34 -4.46
CA PRO B 133 16.39 19.61 -5.38
C PRO B 133 15.06 19.49 -4.67
N PRO B 134 14.14 20.42 -4.92
CA PRO B 134 12.81 20.24 -4.36
C PRO B 134 12.13 18.98 -4.89
N PHE B 135 11.02 18.58 -4.26
CA PHE B 135 10.30 17.41 -4.72
C PHE B 135 9.73 17.66 -6.09
N SER B 136 9.82 16.66 -6.96
CA SER B 136 9.38 16.75 -8.33
C SER B 136 7.99 16.17 -8.49
N ASP B 137 7.40 16.40 -9.67
CA ASP B 137 6.09 15.82 -10.00
C ASP B 137 6.16 14.28 -10.03
N ALA B 138 7.26 13.71 -10.50
CA ALA B 138 7.42 12.24 -10.47
C ALA B 138 7.42 11.74 -9.02
N GLU B 139 8.12 12.45 -8.15
CA GLU B 139 8.15 12.08 -6.75
C GLU B 139 6.77 12.21 -6.09
N THR B 140 6.06 13.29 -6.38
CA THR B 140 4.75 13.42 -5.75
C THR B 140 3.73 12.37 -6.23
N ALA B 141 3.87 11.89 -7.48
CA ALA B 141 3.00 10.81 -7.96
C ALA B 141 3.17 9.50 -7.16
N ILE B 142 4.41 9.23 -6.83
CA ILE B 142 4.77 8.05 -6.04
C ILE B 142 4.20 8.18 -4.65
N ILE B 143 4.42 9.34 -4.06
CA ILE B 143 3.92 9.68 -2.74
C ILE B 143 2.42 9.57 -2.66
N ARG B 144 1.70 10.11 -3.64
CA ARG B 144 0.22 10.02 -3.65
C ARG B 144 -0.28 8.60 -3.61
N ASP B 145 0.32 7.76 -4.44
CA ASP B 145 -0.02 6.34 -4.53
C ASP B 145 0.14 5.63 -3.19
N LEU B 146 1.29 5.83 -2.56
CA LEU B 146 1.57 5.19 -1.29
C LEU B 146 0.66 5.72 -0.18
N VAL B 147 0.50 7.03 -0.10
CA VAL B 147 -0.34 7.62 0.92
C VAL B 147 -1.82 7.24 0.78
N SER B 148 -2.33 7.17 -0.45
CA SER B 148 -3.73 6.75 -0.67
C SER B 148 -4.03 5.34 -0.21
N HIS B 149 -3.12 4.43 -0.50
CA HIS B 149 -3.22 3.09 0.03
C HIS B 149 -3.31 3.09 1.55
N ALA B 150 -2.32 3.75 2.20
CA ALA B 150 -2.28 3.74 3.63
C ALA B 150 -3.56 4.33 4.19
N ALA B 151 -4.03 5.46 3.63
CA ALA B 151 -5.24 6.11 4.10
C ALA B 151 -6.43 5.23 4.15
N LEU B 152 -6.65 4.44 3.10
CA LEU B 152 -7.85 3.60 3.04
C LEU B 152 -7.77 2.48 4.08
N VAL B 153 -6.60 1.88 4.22
CA VAL B 153 -6.44 0.78 5.20
C VAL B 153 -6.58 1.30 6.60
N VAL B 154 -5.96 2.42 6.88
CA VAL B 154 -6.02 3.04 8.19
C VAL B 154 -7.45 3.43 8.54
N SER B 155 -8.15 4.00 7.57
CA SER B 155 -9.54 4.38 7.84
C SER B 155 -10.41 3.19 8.15
N HIS B 156 -10.20 2.07 7.44
CA HIS B 156 -10.94 0.85 7.72
C HIS B 156 -10.62 0.33 9.13
N MET B 157 -9.36 0.31 9.51
CA MET B 157 -9.00 -0.13 10.84
C MET B 157 -9.57 0.77 11.93
N GLN B 158 -9.47 2.06 11.73
CA GLN B 158 -9.91 3.01 12.75
C GLN B 158 -11.42 2.84 12.93
N LEU B 159 -12.12 2.64 11.83
CA LEU B 159 -13.58 2.48 11.91
C LEU B 159 -14.12 1.12 12.38
N PHE B 160 -13.52 0.02 11.92
CA PHE B 160 -14.13 -1.29 12.11
C PHE B 160 -13.37 -2.20 13.07
N ASP B 161 -12.11 -1.88 13.37
CA ASP B 161 -11.26 -2.78 14.19
C ASP B 161 -10.88 -2.22 15.54
N GLU B 162 -10.53 -0.94 15.60
CA GLU B 162 -10.17 -0.26 16.85
C GLU B 162 -11.38 -0.01 17.74
#